data_7EHN
#
_entry.id   7EHN
#
_cell.length_a   113.169
_cell.length_b   113.169
_cell.length_c   113.670
_cell.angle_alpha   90.000
_cell.angle_beta   90.000
_cell.angle_gamma   120.000
#
_symmetry.space_group_name_H-M   'P 65'
#
loop_
_entity.id
_entity.type
_entity.pdbx_description
1 polymer 'Bifunctional methylenetetrahydrofolate dehydrogenase/cyclohydrolase, mitochondrial'
2 non-polymer '3-[4-[[1-[(4-chloranyl-1H-indol-2-yl)methyl]-3,7-dimethyl-2,6-bis(oxidanylidene)purin-8-yl]amino]-6-methyl-pyrimidin-2-yl]propanoic acid'
3 non-polymer '(2S)-2-[[4-[(4-azanyl-6-oxidanyl-pyrimidin-5-yl)carbamoylamino]phenyl]carbonylamino]pentanedioic acid'
4 water water
#
_entity_poly.entity_id   1
_entity_poly.type   'polypeptide(L)'
_entity_poly.pdbx_seq_one_letter_code
;EAVVISGRKLAQQIKQEVRQEVEEWVASGNKRPHLSVILVGENPASHSYVLNKTRAAAVVGINSETIMKPASISEEELLN
LINKLNNDDNVDGLLVQLPLPEHIDERRICNAVSPDKDVDGFHVINVGRMCLDQYSMLPATPWGVWEIIKRTGIPTLGKN
VVVAGRSKNVGMPIAMLLHTDGAHERPGGDATVTISHRYTPKEQLKKHTILADIVISAAGIPNLITADMIKEGAAVIDVG
INRVHDPVTAKPKLVGDVDFEGVRQKAGYITPVPGGVGPMTVAMLMKNTIIAAKKVLRLEEREVLKSKELGVATN
;
_entity_poly.pdbx_strand_id   A,B
#
# COMPACT_ATOMS: atom_id res chain seq x y z
N GLU A 1 -1.87 -7.67 -35.18
CA GLU A 1 -0.70 -8.15 -34.45
C GLU A 1 -0.24 -7.13 -33.39
N ALA A 2 0.07 -7.64 -32.19
CA ALA A 2 0.51 -6.80 -31.07
C ALA A 2 1.97 -6.42 -31.21
N VAL A 3 2.25 -5.11 -31.14
CA VAL A 3 3.64 -4.68 -31.07
C VAL A 3 4.32 -5.18 -29.81
N VAL A 4 5.47 -5.79 -29.98
CA VAL A 4 6.23 -6.38 -28.92
C VAL A 4 7.25 -5.37 -28.42
N ILE A 5 7.28 -5.16 -27.10
CA ILE A 5 8.20 -4.23 -26.49
C ILE A 5 9.41 -5.00 -26.04
N SER A 6 10.58 -4.58 -26.50
CA SER A 6 11.81 -5.23 -26.04
C SER A 6 12.23 -4.57 -24.74
N GLY A 7 12.05 -5.29 -23.62
CA GLY A 7 12.53 -4.76 -22.36
C GLY A 7 14.03 -4.68 -22.30
N ARG A 8 14.70 -5.61 -22.96
CA ARG A 8 16.16 -5.56 -23.04
C ARG A 8 16.63 -4.28 -23.71
N LYS A 9 16.06 -3.95 -24.87
CA LYS A 9 16.52 -2.77 -25.60
C LYS A 9 16.27 -1.51 -24.79
N LEU A 10 15.05 -1.37 -24.25
CA LEU A 10 14.70 -0.23 -23.40
C LEU A 10 15.62 -0.14 -22.19
N ALA A 11 15.96 -1.28 -21.58
CA ALA A 11 16.84 -1.28 -20.40
C ALA A 11 18.27 -0.91 -20.76
N GLN A 12 18.78 -1.39 -21.90
CA GLN A 12 20.14 -1.00 -22.32
C GLN A 12 20.21 0.51 -22.57
N GLN A 13 19.14 1.08 -23.14
CA GLN A 13 19.12 2.54 -23.29
C GLN A 13 19.18 3.24 -21.94
N ILE A 14 18.43 2.76 -20.95
CA ILE A 14 18.45 3.37 -19.62
C ILE A 14 19.83 3.25 -19.01
N LYS A 15 20.47 2.10 -19.20
CA LYS A 15 21.83 1.92 -18.68
C LYS A 15 22.81 2.90 -19.34
N GLN A 16 22.63 3.17 -20.64
CA GLN A 16 23.48 4.17 -21.28
C GLN A 16 23.27 5.54 -20.63
N GLU A 17 22.01 5.89 -20.32
CA GLU A 17 21.75 7.13 -19.59
C GLU A 17 22.43 7.12 -18.23
N VAL A 18 22.34 6.01 -17.51
CA VAL A 18 22.96 5.98 -16.20
C VAL A 18 24.46 6.13 -16.34
N ARG A 19 25.04 5.42 -17.31
CA ARG A 19 26.49 5.51 -17.52
C ARG A 19 26.96 6.96 -17.67
N GLN A 20 26.33 7.73 -18.57
CA GLN A 20 26.80 9.11 -18.77
C GLN A 20 26.66 9.91 -17.49
N GLU A 21 25.58 9.68 -16.74
CA GLU A 21 25.40 10.40 -15.48
C GLU A 21 26.43 9.99 -14.42
N VAL A 22 26.81 8.71 -14.39
CA VAL A 22 27.88 8.28 -13.50
C VAL A 22 29.21 8.89 -13.96
N GLU A 23 29.50 8.79 -15.25
CA GLU A 23 30.79 9.30 -15.71
C GLU A 23 30.89 10.82 -15.56
N GLU A 24 29.76 11.54 -15.62
CA GLU A 24 29.79 12.97 -15.37
C GLU A 24 29.93 13.28 -13.89
N TRP A 25 29.26 12.49 -13.04
CA TRP A 25 29.39 12.66 -11.59
C TRP A 25 30.83 12.42 -11.14
N VAL A 26 31.54 11.54 -11.83
CA VAL A 26 32.94 11.24 -11.52
C VAL A 26 33.86 12.31 -12.11
N ALA A 27 33.64 12.68 -13.39
CA ALA A 27 34.41 13.77 -13.98
C ALA A 27 34.37 15.00 -13.09
N SER A 28 33.21 15.31 -12.51
CA SER A 28 33.11 16.42 -11.57
C SER A 28 33.86 16.18 -10.27
N GLY A 29 34.53 15.05 -10.10
CA GLY A 29 35.39 14.83 -8.96
C GLY A 29 34.75 14.18 -7.74
N ASN A 30 33.61 13.52 -7.91
CA ASN A 30 33.07 12.73 -6.81
C ASN A 30 33.52 11.28 -6.93
N LYS A 31 33.50 10.59 -5.77
CA LYS A 31 33.80 9.17 -5.70
C LYS A 31 32.95 8.39 -6.70
N ARG A 32 33.55 7.39 -7.36
CA ARG A 32 32.77 6.50 -8.20
C ARG A 32 31.72 5.76 -7.35
N PRO A 33 30.52 5.54 -7.87
CA PRO A 33 29.49 4.82 -7.12
C PRO A 33 29.85 3.35 -6.91
N HIS A 34 29.44 2.83 -5.76
CA HIS A 34 29.68 1.43 -5.40
C HIS A 34 28.39 0.80 -4.90
N LEU A 35 28.03 -0.33 -5.51
CA LEU A 35 26.91 -1.18 -5.12
C LEU A 35 27.43 -2.47 -4.49
N SER A 36 26.94 -2.80 -3.29
CA SER A 36 27.20 -4.09 -2.65
C SER A 36 25.91 -4.91 -2.65
N VAL A 37 26.00 -6.15 -3.13
CA VAL A 37 24.88 -7.09 -3.14
C VAL A 37 25.25 -8.26 -2.25
N ILE A 38 24.42 -8.54 -1.25
CA ILE A 38 24.67 -9.69 -0.37
C ILE A 38 23.86 -10.88 -0.88
N LEU A 39 24.55 -12.00 -1.14
CA LEU A 39 23.91 -13.24 -1.57
C LEU A 39 24.16 -14.35 -0.54
N VAL A 40 23.07 -14.92 0.00
CA VAL A 40 23.13 -15.97 1.00
C VAL A 40 22.70 -17.28 0.37
N GLY A 41 23.55 -18.32 0.49
CA GLY A 41 23.14 -19.63 0.00
C GLY A 41 23.25 -19.77 -1.50
N GLU A 42 22.48 -20.72 -2.04
CA GLU A 42 22.78 -21.30 -3.35
C GLU A 42 21.56 -21.35 -4.26
N ASN A 43 20.54 -20.55 -4.04
CA ASN A 43 19.40 -20.57 -4.93
C ASN A 43 19.87 -20.20 -6.33
N PRO A 44 19.68 -21.06 -7.35
CA PRO A 44 20.22 -20.72 -8.68
C PRO A 44 19.55 -19.51 -9.32
N ALA A 45 18.24 -19.32 -9.13
CA ALA A 45 17.62 -18.10 -9.65
C ALA A 45 18.26 -16.87 -9.04
N SER A 46 18.52 -16.91 -7.73
CA SER A 46 19.13 -15.77 -7.07
C SER A 46 20.49 -15.45 -7.64
N HIS A 47 21.25 -16.48 -8.02
CA HIS A 47 22.59 -16.26 -8.56
C HIS A 47 22.55 -15.70 -9.96
N SER A 48 21.69 -16.25 -10.82
CA SER A 48 21.51 -15.71 -12.15
C SER A 48 21.12 -14.23 -12.08
N TYR A 49 20.13 -13.90 -11.23
CA TYR A 49 19.64 -12.53 -11.12
C TYR A 49 20.72 -11.57 -10.66
N VAL A 50 21.47 -11.97 -9.64
CA VAL A 50 22.52 -11.12 -9.09
C VAL A 50 23.64 -10.98 -10.09
N LEU A 51 23.88 -12.02 -10.88
CA LEU A 51 24.85 -11.91 -11.96
C LEU A 51 24.42 -10.79 -12.90
N ASN A 52 23.15 -10.79 -13.31
CA ASN A 52 22.70 -9.74 -14.20
C ASN A 52 22.82 -8.35 -13.56
N LYS A 53 22.73 -8.26 -12.23
CA LYS A 53 22.85 -6.95 -11.61
C LYS A 53 24.27 -6.44 -11.64
N THR A 54 25.25 -7.29 -11.31
CA THR A 54 26.65 -6.84 -11.26
C THR A 54 27.24 -6.63 -12.65
N ARG A 55 26.65 -7.27 -13.64
CA ARG A 55 27.03 -7.11 -15.01
C ARG A 55 26.53 -5.74 -15.46
N ALA A 56 25.36 -5.30 -15.01
CA ALA A 56 24.81 -4.00 -15.38
C ALA A 56 25.55 -2.90 -14.65
N ALA A 57 25.98 -3.17 -13.41
CA ALA A 57 26.81 -2.19 -12.71
C ALA A 57 28.12 -1.96 -13.43
N ALA A 58 28.69 -3.02 -14.01
CA ALA A 58 29.95 -2.86 -14.73
C ALA A 58 29.77 -1.98 -15.96
N VAL A 59 28.78 -2.31 -16.79
CA VAL A 59 28.48 -1.53 -17.99
C VAL A 59 28.31 -0.04 -17.69
N VAL A 60 27.66 0.31 -16.57
CA VAL A 60 27.31 1.71 -16.36
C VAL A 60 28.32 2.46 -15.51
N GLY A 61 29.44 1.84 -15.14
CA GLY A 61 30.50 2.54 -14.45
C GLY A 61 30.44 2.50 -12.94
N ILE A 62 29.56 1.70 -12.36
CA ILE A 62 29.44 1.63 -10.91
C ILE A 62 30.26 0.45 -10.42
N ASN A 63 31.14 0.69 -9.45
CA ASN A 63 31.85 -0.41 -8.81
C ASN A 63 30.85 -1.28 -8.05
N SER A 64 31.12 -2.59 -8.01
CA SER A 64 30.19 -3.51 -7.38
C SER A 64 30.93 -4.72 -6.87
N GLU A 65 30.33 -5.35 -5.88
CA GLU A 65 30.77 -6.65 -5.37
C GLU A 65 29.53 -7.43 -5.01
N THR A 66 29.57 -8.72 -5.25
CA THR A 66 28.63 -9.66 -4.65
C THR A 66 29.34 -10.32 -3.48
N ILE A 67 28.77 -10.19 -2.31
CA ILE A 67 29.29 -10.85 -1.12
C ILE A 67 28.43 -12.08 -0.89
N MET A 68 29.00 -13.25 -1.22
CA MET A 68 28.31 -14.53 -1.05
C MET A 68 28.68 -15.17 0.27
N LYS A 69 27.65 -15.61 1.00
CA LYS A 69 27.71 -16.19 2.32
C LYS A 69 26.94 -17.51 2.33
N PRO A 70 27.40 -18.48 3.10
CA PRO A 70 26.69 -19.77 3.14
C PRO A 70 25.34 -19.59 3.81
N ALA A 71 24.41 -20.47 3.43
CA ALA A 71 23.06 -20.45 4.00
C ALA A 71 23.07 -20.63 5.51
N SER A 72 24.12 -21.22 6.08
CA SER A 72 24.16 -21.46 7.52
C SER A 72 24.44 -20.21 8.32
N ILE A 73 24.67 -19.08 7.66
CA ILE A 73 24.96 -17.84 8.39
C ILE A 73 23.80 -17.53 9.35
N SER A 74 24.15 -17.03 10.53
CA SER A 74 23.11 -16.59 11.44
C SER A 74 22.63 -15.18 11.10
N GLU A 75 21.44 -14.86 11.63
CA GLU A 75 20.89 -13.53 11.47
C GLU A 75 21.81 -12.47 12.05
N GLU A 76 22.39 -12.73 13.23
CA GLU A 76 23.28 -11.75 13.86
C GLU A 76 24.51 -11.49 13.00
N GLU A 77 25.08 -12.53 12.40
CA GLU A 77 26.18 -12.37 11.45
C GLU A 77 25.78 -11.47 10.28
N LEU A 78 24.59 -11.71 9.71
CA LEU A 78 24.16 -10.93 8.55
C LEU A 78 23.95 -9.47 8.91
N LEU A 79 23.34 -9.22 10.07
CA LEU A 79 23.17 -7.87 10.57
C LEU A 79 24.51 -7.17 10.79
N ASN A 80 25.48 -7.91 11.30
CA ASN A 80 26.81 -7.32 11.49
C ASN A 80 27.44 -6.94 10.16
N LEU A 81 27.32 -7.81 9.16
CA LEU A 81 27.83 -7.47 7.84
C LEU A 81 27.12 -6.23 7.30
N ILE A 82 25.80 -6.15 7.49
CA ILE A 82 25.02 -5.03 6.99
C ILE A 82 25.43 -3.75 7.71
N ASN A 83 25.56 -3.81 9.03
CA ASN A 83 26.02 -2.67 9.82
C ASN A 83 27.37 -2.17 9.33
N LYS A 84 28.29 -3.10 9.02
CA LYS A 84 29.59 -2.70 8.49
C LYS A 84 29.44 -1.95 7.16
N LEU A 85 28.61 -2.47 6.25
CA LEU A 85 28.44 -1.82 4.97
C LEU A 85 27.70 -0.49 5.09
N ASN A 86 26.74 -0.40 6.02
CA ASN A 86 26.04 0.86 6.31
C ASN A 86 27.00 1.97 6.71
N ASN A 87 28.09 1.63 7.40
CA ASN A 87 29.03 2.60 7.93
C ASN A 87 30.24 2.80 7.04
N ASP A 88 30.29 2.12 5.88
CA ASP A 88 31.40 2.20 4.96
C ASP A 88 31.11 3.29 3.94
N ASP A 89 31.79 4.43 4.08
CA ASP A 89 31.57 5.60 3.22
C ASP A 89 31.81 5.30 1.74
N ASN A 90 32.54 4.24 1.40
CA ASN A 90 32.67 3.84 0.01
C ASN A 90 31.40 3.19 -0.57
N VAL A 91 30.53 2.63 0.26
CA VAL A 91 29.33 1.93 -0.22
C VAL A 91 28.18 2.92 -0.36
N ASP A 92 27.62 3.02 -1.56
CA ASP A 92 26.46 3.87 -1.80
C ASP A 92 25.16 3.08 -1.77
N GLY A 93 25.11 1.97 -2.49
CA GLY A 93 23.93 1.13 -2.54
C GLY A 93 24.19 -0.22 -1.92
N LEU A 94 23.21 -0.72 -1.18
CA LEU A 94 23.29 -2.00 -0.49
C LEU A 94 21.95 -2.70 -0.62
N LEU A 95 21.94 -3.89 -1.21
CA LEU A 95 20.75 -4.74 -1.23
C LEU A 95 21.06 -6.18 -0.80
N VAL A 96 20.05 -6.85 -0.21
CA VAL A 96 20.16 -8.25 0.13
C VAL A 96 19.25 -9.00 -0.82
N GLN A 97 19.80 -9.96 -1.55
CA GLN A 97 18.99 -10.72 -2.48
C GLN A 97 18.07 -11.64 -1.68
N LEU A 98 16.82 -11.72 -2.10
CA LEU A 98 15.82 -12.56 -1.48
C LEU A 98 15.43 -13.69 -2.43
N PRO A 99 14.96 -14.85 -1.90
CA PRO A 99 14.71 -15.15 -0.49
C PRO A 99 15.94 -15.54 0.31
N LEU A 100 15.87 -15.29 1.59
CA LEU A 100 16.79 -15.69 2.64
C LEU A 100 16.36 -16.99 3.29
N PRO A 101 17.26 -17.67 4.00
CA PRO A 101 16.87 -18.87 4.74
C PRO A 101 15.89 -18.56 5.87
N GLU A 102 15.03 -19.55 6.16
CA GLU A 102 13.96 -19.38 7.15
C GLU A 102 14.43 -19.05 8.55
N HIS A 103 15.67 -19.32 8.94
CA HIS A 103 16.13 -18.87 10.25
C HIS A 103 16.57 -17.41 10.30
N ILE A 104 16.36 -16.66 9.23
CA ILE A 104 16.72 -15.25 9.19
C ILE A 104 15.44 -14.49 8.88
N ASP A 105 15.19 -13.43 9.63
CA ASP A 105 13.94 -12.68 9.51
C ASP A 105 14.15 -11.62 8.43
N GLU A 106 13.54 -11.84 7.27
CA GLU A 106 13.79 -11.05 6.09
C GLU A 106 13.34 -9.61 6.28
N ARG A 107 12.30 -9.41 7.08
CA ARG A 107 11.87 -8.04 7.36
C ARG A 107 12.88 -7.31 8.23
N ARG A 108 13.47 -8.00 9.21
CA ARG A 108 14.53 -7.40 10.03
C ARG A 108 15.76 -7.08 9.19
N ILE A 109 16.12 -7.94 8.25
CA ILE A 109 17.28 -7.70 7.40
C ILE A 109 17.06 -6.47 6.51
N CYS A 110 15.93 -6.41 5.81
CA CYS A 110 15.67 -5.27 4.95
C CYS A 110 15.53 -3.98 5.75
N ASN A 111 15.01 -4.04 6.98
CA ASN A 111 14.94 -2.83 7.77
C ASN A 111 16.26 -2.45 8.43
N ALA A 112 17.27 -3.32 8.36
CA ALA A 112 18.59 -2.95 8.89
C ALA A 112 19.46 -2.24 7.86
N VAL A 113 19.17 -2.39 6.57
CA VAL A 113 19.87 -1.60 5.56
C VAL A 113 19.55 -0.13 5.75
N SER A 114 20.58 0.70 5.74
CA SER A 114 20.38 2.14 5.86
C SER A 114 19.38 2.62 4.81
N PRO A 115 18.37 3.41 5.19
CA PRO A 115 17.38 3.85 4.20
C PRO A 115 18.00 4.66 3.06
N ASP A 116 19.10 5.38 3.33
CA ASP A 116 19.80 6.11 2.29
C ASP A 116 20.54 5.20 1.31
N LYS A 117 20.95 3.99 1.75
CA LYS A 117 21.61 3.02 0.88
C LYS A 117 20.67 1.96 0.33
N ASP A 118 19.36 2.13 0.52
CA ASP A 118 18.40 1.07 0.29
C ASP A 118 17.88 1.13 -1.15
N VAL A 119 18.77 0.70 -2.07
CA VAL A 119 18.47 0.85 -3.48
C VAL A 119 17.36 -0.08 -3.95
N ASP A 120 17.02 -1.14 -3.20
CA ASP A 120 15.81 -1.89 -3.51
C ASP A 120 14.52 -1.23 -3.04
N GLY A 121 14.59 -0.31 -2.09
CA GLY A 121 13.34 0.26 -1.60
C GLY A 121 12.54 -0.70 -0.76
N PHE A 122 13.20 -1.63 -0.06
CA PHE A 122 12.53 -2.60 0.79
C PHE A 122 12.58 -2.20 2.27
N HIS A 123 13.20 -1.08 2.63
CA HIS A 123 13.14 -0.62 4.01
C HIS A 123 11.75 -0.04 4.31
N VAL A 124 11.27 -0.27 5.54
CA VAL A 124 9.87 0.00 5.87
C VAL A 124 9.54 1.47 5.66
N ILE A 125 10.48 2.37 5.99
CA ILE A 125 10.20 3.78 5.78
C ILE A 125 10.20 4.11 4.29
N ASN A 126 11.02 3.42 3.48
CA ASN A 126 10.95 3.65 2.05
C ASN A 126 9.64 3.12 1.47
N VAL A 127 9.14 2.01 2.01
CA VAL A 127 7.82 1.54 1.61
C VAL A 127 6.75 2.54 2.02
N GLY A 128 6.86 3.09 3.23
CA GLY A 128 5.89 4.10 3.64
C GLY A 128 5.95 5.34 2.77
N ARG A 129 7.17 5.81 2.47
CA ARG A 129 7.34 6.98 1.60
C ARG A 129 6.75 6.74 0.23
N MET A 130 6.91 5.52 -0.31
CA MET A 130 6.34 5.24 -1.61
C MET A 130 4.82 5.35 -1.57
N CYS A 131 4.21 4.84 -0.49
CA CYS A 131 2.75 4.96 -0.33
C CYS A 131 2.30 6.42 -0.26
N LEU A 132 3.05 7.25 0.45
CA LEU A 132 2.67 8.63 0.70
C LEU A 132 3.28 9.62 -0.29
N ASP A 133 3.92 9.16 -1.36
CA ASP A 133 4.57 10.03 -2.36
C ASP A 133 5.63 10.92 -1.75
N GLN A 134 6.38 10.40 -0.78
CA GLN A 134 7.51 11.11 -0.20
C GLN A 134 8.85 10.53 -0.63
N TYR A 135 8.85 9.60 -1.58
CA TYR A 135 10.04 8.79 -1.80
C TYR A 135 11.05 9.55 -2.65
N SER A 136 12.27 9.01 -2.65
CA SER A 136 13.20 9.25 -3.75
C SER A 136 13.61 7.96 -4.40
N MET A 137 13.18 6.80 -3.90
CA MET A 137 13.72 5.54 -4.39
C MET A 137 12.62 4.49 -4.41
N LEU A 138 12.16 4.20 -5.59
CA LEU A 138 11.15 3.23 -5.94
C LEU A 138 11.77 1.84 -6.06
N PRO A 139 11.06 0.81 -5.63
CA PRO A 139 11.52 -0.57 -5.87
C PRO A 139 11.65 -0.83 -7.37
N ALA A 140 12.66 -1.63 -7.72
CA ALA A 140 13.16 -1.69 -9.09
C ALA A 140 12.13 -2.29 -10.04
N THR A 141 11.52 -3.41 -9.66
CA THR A 141 10.59 -4.06 -10.58
C THR A 141 9.37 -3.21 -10.87
N PRO A 142 8.64 -2.68 -9.87
CA PRO A 142 7.47 -1.85 -10.20
C PRO A 142 7.81 -0.59 -10.97
N TRP A 143 8.94 0.03 -10.63
CA TRP A 143 9.41 1.18 -11.38
C TRP A 143 9.75 0.79 -12.82
N GLY A 144 10.32 -0.40 -13.01
CA GLY A 144 10.54 -0.90 -14.36
C GLY A 144 9.25 -1.13 -15.13
N VAL A 145 8.22 -1.67 -14.46
CA VAL A 145 6.93 -1.83 -15.12
C VAL A 145 6.44 -0.47 -15.59
N TRP A 146 6.64 0.54 -14.76
CA TRP A 146 6.13 1.87 -15.05
C TRP A 146 6.91 2.56 -16.18
N GLU A 147 8.24 2.40 -16.21
CA GLU A 147 9.02 2.96 -17.30
C GLU A 147 8.60 2.36 -18.64
N ILE A 148 8.42 1.05 -18.70
CA ILE A 148 7.91 0.41 -19.91
C ILE A 148 6.68 1.15 -20.42
N ILE A 149 5.64 1.22 -19.59
CA ILE A 149 4.40 1.89 -19.98
C ILE A 149 4.68 3.31 -20.39
N LYS A 150 5.59 3.97 -19.68
CA LYS A 150 5.81 5.41 -19.88
C LYS A 150 6.59 5.67 -21.16
N ARG A 151 7.72 5.01 -21.35
CA ARG A 151 8.52 5.26 -22.53
C ARG A 151 7.86 4.73 -23.79
N THR A 152 7.03 3.70 -23.67
CA THR A 152 6.21 3.27 -24.81
C THR A 152 5.16 4.31 -25.15
N GLY A 153 4.67 5.06 -24.16
CA GLY A 153 3.61 6.02 -24.38
C GLY A 153 2.22 5.47 -24.20
N ILE A 154 2.06 4.36 -23.48
CA ILE A 154 0.74 3.79 -23.23
C ILE A 154 -0.01 4.69 -22.25
N PRO A 155 -1.22 5.15 -22.58
CA PRO A 155 -1.94 6.04 -21.67
C PRO A 155 -2.53 5.30 -20.47
N THR A 156 -2.54 6.00 -19.33
CA THR A 156 -3.08 5.41 -18.11
C THR A 156 -4.16 6.24 -17.43
N LEU A 157 -4.31 7.52 -17.78
CA LEU A 157 -5.28 8.38 -17.10
C LEU A 157 -6.69 7.85 -17.29
N GLY A 158 -7.29 7.36 -16.20
CA GLY A 158 -8.65 6.87 -16.22
C GLY A 158 -8.81 5.47 -16.77
N LYS A 159 -7.73 4.85 -17.26
CA LYS A 159 -7.82 3.50 -17.81
C LYS A 159 -7.99 2.46 -16.70
N ASN A 160 -8.49 1.29 -17.08
CA ASN A 160 -8.58 0.17 -16.15
C ASN A 160 -7.31 -0.66 -16.19
N VAL A 161 -6.67 -0.81 -15.05
CA VAL A 161 -5.47 -1.63 -14.91
C VAL A 161 -5.79 -2.80 -14.01
N VAL A 162 -5.41 -4.00 -14.44
CA VAL A 162 -5.51 -5.19 -13.61
C VAL A 162 -4.11 -5.72 -13.38
N VAL A 163 -3.77 -5.94 -12.12
CA VAL A 163 -2.53 -6.57 -11.70
C VAL A 163 -2.92 -7.91 -11.09
N ALA A 164 -2.37 -8.99 -11.63
CA ALA A 164 -2.58 -10.33 -11.07
C ALA A 164 -1.44 -10.59 -10.11
N GLY A 165 -1.69 -10.37 -8.83
CA GLY A 165 -0.65 -10.42 -7.83
C GLY A 165 -0.45 -11.83 -7.31
N ARG A 166 0.81 -12.17 -7.06
CA ARG A 166 1.18 -13.41 -6.41
C ARG A 166 1.35 -13.29 -4.92
N SER A 167 1.98 -12.23 -4.48
CA SER A 167 2.02 -11.82 -3.10
C SER A 167 1.62 -10.36 -3.05
N LYS A 168 1.36 -9.88 -1.84
CA LYS A 168 1.16 -8.45 -1.69
C LYS A 168 2.44 -7.69 -2.03
N ASN A 169 3.62 -8.27 -1.74
CA ASN A 169 4.86 -7.56 -2.05
C ASN A 169 5.08 -7.30 -3.53
N VAL A 170 4.42 -8.03 -4.43
CA VAL A 170 4.70 -7.92 -5.85
C VAL A 170 3.63 -7.10 -6.57
N GLY A 171 2.35 -7.45 -6.37
CA GLY A 171 1.33 -6.77 -7.13
C GLY A 171 1.01 -5.40 -6.61
N MET A 172 1.13 -5.19 -5.30
CA MET A 172 0.63 -3.96 -4.70
C MET A 172 1.53 -2.77 -5.01
N PRO A 173 2.85 -2.91 -4.90
CA PRO A 173 3.72 -1.79 -5.37
C PRO A 173 3.45 -1.41 -6.82
N ILE A 174 3.18 -2.38 -7.68
CA ILE A 174 2.85 -2.07 -9.06
C ILE A 174 1.54 -1.27 -9.12
N ALA A 175 0.52 -1.74 -8.40
CA ALA A 175 -0.76 -1.04 -8.35
C ALA A 175 -0.63 0.33 -7.70
N MET A 176 0.16 0.41 -6.62
CA MET A 176 0.39 1.69 -5.95
C MET A 176 0.86 2.74 -6.95
N LEU A 177 1.89 2.42 -7.74
CA LEU A 177 2.40 3.39 -8.71
C LEU A 177 1.35 3.73 -9.74
N LEU A 178 0.64 2.71 -10.25
CA LEU A 178 -0.29 2.96 -11.33
C LEU A 178 -1.54 3.69 -10.87
N HIS A 179 -1.96 3.47 -9.62
CA HIS A 179 -3.14 4.17 -9.13
C HIS A 179 -2.86 5.59 -8.71
N THR A 180 -1.60 5.92 -8.46
CA THR A 180 -1.27 7.19 -7.82
C THR A 180 -1.57 8.39 -8.71
N ASP A 181 -1.99 9.48 -8.07
CA ASP A 181 -2.04 10.79 -8.71
C ASP A 181 -0.79 11.07 -9.54
N PRO A 187 6.49 9.74 -10.48
CA PRO A 187 5.62 8.76 -11.14
C PRO A 187 4.19 8.71 -10.59
N GLY A 188 3.22 9.09 -11.42
CA GLY A 188 1.80 8.96 -11.10
C GLY A 188 1.15 7.85 -11.90
N GLY A 189 0.08 8.15 -12.63
CA GLY A 189 -0.59 7.15 -13.44
C GLY A 189 -2.10 7.23 -13.43
N ASP A 190 -2.69 7.57 -12.29
CA ASP A 190 -4.09 8.03 -12.21
C ASP A 190 -5.07 7.05 -12.84
N ALA A 191 -4.90 5.77 -12.52
CA ALA A 191 -5.70 4.72 -13.14
C ALA A 191 -6.55 4.01 -12.11
N THR A 192 -7.72 3.54 -12.56
CA THR A 192 -8.47 2.55 -11.80
C THR A 192 -7.70 1.25 -11.81
N VAL A 193 -7.43 0.71 -10.62
CA VAL A 193 -6.55 -0.43 -10.50
C VAL A 193 -7.28 -1.55 -9.79
N THR A 194 -7.09 -2.76 -10.30
CA THR A 194 -7.53 -4.00 -9.68
C THR A 194 -6.29 -4.84 -9.39
N ILE A 195 -6.19 -5.33 -8.16
CA ILE A 195 -5.16 -6.28 -7.79
C ILE A 195 -5.88 -7.56 -7.43
N SER A 196 -5.68 -8.61 -8.22
CA SER A 196 -6.37 -9.87 -7.97
C SER A 196 -5.51 -10.75 -7.10
N HIS A 197 -6.17 -11.42 -6.17
CA HIS A 197 -5.52 -12.39 -5.32
C HIS A 197 -5.41 -13.72 -6.07
N ARG A 198 -4.42 -14.51 -5.70
CA ARG A 198 -4.29 -15.83 -6.29
C ARG A 198 -5.41 -16.79 -5.90
N TYR A 199 -6.25 -16.43 -4.92
CA TYR A 199 -7.39 -17.25 -4.54
C TYR A 199 -8.64 -16.96 -5.35
N THR A 200 -8.57 -16.03 -6.31
CA THR A 200 -9.64 -15.78 -7.27
C THR A 200 -9.39 -16.62 -8.52
N PRO A 201 -10.34 -17.42 -8.99
CA PRO A 201 -10.06 -18.33 -10.11
C PRO A 201 -9.80 -17.55 -11.39
N LYS A 202 -9.23 -18.29 -12.35
CA LYS A 202 -9.09 -17.74 -13.69
C LYS A 202 -10.44 -17.22 -14.20
N GLU A 203 -11.52 -17.93 -13.87
CA GLU A 203 -12.85 -17.57 -14.36
C GLU A 203 -13.29 -16.19 -13.87
N GLN A 204 -13.05 -15.88 -12.59
CA GLN A 204 -13.44 -14.57 -12.08
C GLN A 204 -12.41 -13.49 -12.43
N LEU A 205 -11.12 -13.84 -12.42
CA LEU A 205 -10.11 -12.88 -12.86
C LEU A 205 -10.40 -12.42 -14.28
N LYS A 206 -10.91 -13.33 -15.11
CA LYS A 206 -11.21 -12.99 -16.50
C LYS A 206 -12.27 -11.91 -16.60
N LYS A 207 -13.24 -11.89 -15.67
CA LYS A 207 -14.25 -10.85 -15.68
C LYS A 207 -13.64 -9.45 -15.51
N HIS A 208 -12.46 -9.37 -14.88
CA HIS A 208 -11.74 -8.11 -14.69
C HIS A 208 -10.82 -7.79 -15.85
N THR A 209 -10.08 -8.79 -16.35
CA THR A 209 -9.09 -8.55 -17.38
C THR A 209 -9.71 -8.07 -18.69
N ILE A 210 -10.93 -8.53 -19.01
CA ILE A 210 -11.54 -8.11 -20.28
C ILE A 210 -11.96 -6.65 -20.27
N LEU A 211 -12.14 -6.05 -19.10
CA LEU A 211 -12.38 -4.61 -19.01
C LEU A 211 -11.10 -3.79 -19.06
N ALA A 212 -9.94 -4.44 -18.96
CA ALA A 212 -8.69 -3.75 -18.67
C ALA A 212 -8.02 -3.24 -19.95
N ASP A 213 -7.62 -1.96 -19.93
CA ASP A 213 -6.75 -1.41 -20.95
C ASP A 213 -5.30 -1.83 -20.79
N ILE A 214 -4.91 -2.24 -19.58
CA ILE A 214 -3.56 -2.73 -19.30
C ILE A 214 -3.71 -3.92 -18.35
N VAL A 215 -3.05 -5.02 -18.68
CA VAL A 215 -3.04 -6.21 -17.84
C VAL A 215 -1.59 -6.49 -17.49
N ILE A 216 -1.29 -6.56 -16.21
CA ILE A 216 0.05 -6.77 -15.70
C ILE A 216 -0.03 -8.02 -14.84
N SER A 217 0.65 -9.07 -15.26
CA SER A 217 0.52 -10.36 -14.62
C SER A 217 1.82 -10.64 -13.89
N ALA A 218 1.72 -10.80 -12.58
CA ALA A 218 2.83 -11.12 -11.70
C ALA A 218 2.46 -12.26 -10.78
N ALA A 219 1.78 -13.27 -11.34
CA ALA A 219 1.25 -14.38 -10.56
C ALA A 219 2.13 -15.63 -10.60
N GLY A 220 3.16 -15.68 -11.44
CA GLY A 220 4.01 -16.86 -11.49
C GLY A 220 3.28 -18.15 -11.81
N ILE A 221 2.41 -18.10 -12.81
CA ILE A 221 1.50 -19.19 -13.18
C ILE A 221 1.46 -19.32 -14.70
N PRO A 222 2.05 -20.36 -15.29
CA PRO A 222 2.14 -20.43 -16.75
C PRO A 222 0.77 -20.41 -17.41
N ASN A 223 0.67 -19.66 -18.51
CA ASN A 223 -0.57 -19.53 -19.27
C ASN A 223 -1.73 -19.03 -18.41
N LEU A 224 -1.43 -18.16 -17.44
CA LEU A 224 -2.50 -17.50 -16.71
C LEU A 224 -3.32 -16.59 -17.60
N ILE A 225 -2.67 -15.88 -18.54
CA ILE A 225 -3.34 -14.89 -19.38
C ILE A 225 -3.41 -15.41 -20.80
N THR A 226 -4.62 -15.57 -21.33
CA THR A 226 -4.85 -16.05 -22.68
C THR A 226 -5.77 -15.09 -23.40
N ALA A 227 -5.85 -15.25 -24.72
CA ALA A 227 -6.47 -14.25 -25.59
C ALA A 227 -7.93 -13.99 -25.23
N ASP A 228 -8.61 -15.00 -24.68
CA ASP A 228 -10.01 -14.81 -24.28
C ASP A 228 -10.14 -13.78 -23.17
N MET A 229 -9.16 -13.72 -22.27
CA MET A 229 -9.19 -12.80 -21.14
C MET A 229 -8.82 -11.37 -21.51
N ILE A 230 -8.23 -11.15 -22.69
CA ILE A 230 -7.75 -9.83 -23.08
C ILE A 230 -8.75 -9.20 -24.04
N LYS A 231 -9.07 -7.94 -23.80
CA LYS A 231 -9.86 -7.20 -24.77
C LYS A 231 -8.94 -6.69 -25.86
N GLU A 232 -9.47 -6.61 -27.08
CA GLU A 232 -8.61 -6.34 -28.23
C GLU A 232 -7.92 -4.99 -28.08
N GLY A 233 -6.62 -4.98 -28.39
CA GLY A 233 -5.82 -3.77 -28.36
C GLY A 233 -5.18 -3.42 -27.03
N ALA A 234 -5.38 -4.24 -26.00
CA ALA A 234 -4.89 -3.93 -24.66
C ALA A 234 -3.40 -4.25 -24.51
N ALA A 235 -2.74 -3.53 -23.61
CA ALA A 235 -1.34 -3.79 -23.30
C ALA A 235 -1.23 -4.87 -22.24
N VAL A 236 -0.29 -5.79 -22.43
CA VAL A 236 -0.10 -6.93 -21.54
C VAL A 236 1.37 -6.96 -21.14
N ILE A 237 1.65 -6.72 -19.88
CA ILE A 237 3.00 -6.71 -19.33
C ILE A 237 3.14 -8.01 -18.55
N ASP A 238 4.10 -8.86 -18.94
CA ASP A 238 4.29 -10.15 -18.30
C ASP A 238 5.45 -10.05 -17.30
N VAL A 239 5.12 -10.04 -16.01
CA VAL A 239 6.11 -9.98 -14.94
C VAL A 239 6.54 -11.36 -14.47
N GLY A 240 5.73 -12.39 -14.78
CA GLY A 240 5.96 -13.72 -14.27
C GLY A 240 7.25 -14.36 -14.79
N ILE A 241 7.70 -15.32 -13.96
CA ILE A 241 8.88 -16.17 -14.11
C ILE A 241 8.42 -17.61 -13.87
N ASN A 242 8.50 -18.45 -14.88
CA ASN A 242 8.18 -19.84 -14.63
C ASN A 242 9.29 -20.72 -15.19
N ARG A 243 9.89 -21.53 -14.32
CA ARG A 243 10.92 -22.50 -14.68
C ARG A 243 10.27 -23.85 -14.96
N PRO A 252 13.28 -28.07 -20.56
CA PRO A 252 13.43 -27.26 -19.35
C PRO A 252 13.63 -25.76 -19.67
N LYS A 253 12.52 -25.02 -19.80
CA LYS A 253 12.51 -23.65 -20.32
C LYS A 253 11.98 -22.65 -19.30
N LEU A 254 12.06 -21.35 -19.65
CA LEU A 254 11.57 -20.24 -18.84
C LEU A 254 10.51 -19.48 -19.62
N VAL A 255 9.31 -19.37 -19.04
CA VAL A 255 8.20 -18.63 -19.65
C VAL A 255 7.59 -17.71 -18.60
N GLY A 256 6.80 -16.76 -19.08
CA GLY A 256 6.01 -15.89 -18.22
C GLY A 256 4.60 -16.43 -18.03
N ASP A 257 3.77 -15.59 -17.41
CA ASP A 257 2.39 -15.96 -17.13
C ASP A 257 1.50 -15.91 -18.36
N VAL A 258 1.99 -15.39 -19.47
CA VAL A 258 1.15 -15.07 -20.61
C VAL A 258 1.41 -16.10 -21.70
N ASP A 259 0.34 -16.48 -22.42
CA ASP A 259 0.46 -17.24 -23.65
C ASP A 259 0.86 -16.23 -24.74
N PHE A 260 2.17 -16.07 -24.90
CA PHE A 260 2.71 -15.04 -25.78
C PHE A 260 2.15 -15.18 -27.20
N GLU A 261 2.17 -16.40 -27.74
CA GLU A 261 1.74 -16.57 -29.12
C GLU A 261 0.24 -16.35 -29.26
N GLY A 262 -0.54 -16.89 -28.33
CA GLY A 262 -1.99 -16.73 -28.42
C GLY A 262 -2.42 -15.27 -28.36
N VAL A 263 -1.86 -14.50 -27.42
CA VAL A 263 -2.34 -13.15 -27.16
C VAL A 263 -1.59 -12.07 -27.96
N ARG A 264 -0.49 -12.42 -28.62
CA ARG A 264 0.12 -11.49 -29.56
C ARG A 264 -0.81 -11.17 -30.72
N GLN A 265 -1.84 -12.02 -30.93
CA GLN A 265 -2.85 -11.78 -31.95
C GLN A 265 -3.84 -10.68 -31.57
N LYS A 266 -4.15 -10.55 -30.27
CA LYS A 266 -5.18 -9.63 -29.80
C LYS A 266 -4.64 -8.41 -29.07
N ALA A 267 -3.55 -8.53 -28.33
CA ALA A 267 -3.03 -7.42 -27.55
C ALA A 267 -2.67 -6.24 -28.45
N GLY A 268 -2.58 -5.06 -27.85
CA GLY A 268 -2.07 -3.90 -28.56
C GLY A 268 -0.57 -3.77 -28.37
N TYR A 269 -0.12 -4.07 -27.15
CA TYR A 269 1.29 -4.17 -26.80
C TYR A 269 1.49 -5.45 -25.99
N ILE A 270 2.72 -5.97 -26.00
CA ILE A 270 3.04 -7.15 -25.20
C ILE A 270 4.53 -7.14 -24.91
N THR A 271 4.88 -7.62 -23.73
CA THR A 271 6.29 -7.81 -23.41
C THR A 271 6.59 -9.30 -23.31
N PRO A 272 7.77 -9.70 -23.76
CA PRO A 272 8.14 -11.12 -23.72
C PRO A 272 8.86 -11.46 -22.43
N VAL A 273 8.83 -12.75 -22.11
CA VAL A 273 9.64 -13.32 -21.03
C VAL A 273 10.47 -14.48 -21.65
N PRO A 274 11.80 -14.47 -21.54
CA PRO A 274 12.63 -13.43 -20.93
C PRO A 274 12.78 -12.20 -21.81
N GLY A 275 13.62 -11.26 -21.37
CA GLY A 275 13.88 -10.07 -22.14
C GLY A 275 12.82 -9.00 -22.06
N GLY A 276 11.97 -9.02 -21.04
CA GLY A 276 10.97 -7.99 -20.84
C GLY A 276 11.17 -7.14 -19.59
N VAL A 277 10.42 -7.48 -18.52
CA VAL A 277 10.49 -6.75 -17.25
C VAL A 277 11.80 -6.99 -16.54
N GLY A 278 12.30 -8.22 -16.58
CA GLY A 278 13.56 -8.57 -15.96
C GLY A 278 14.74 -7.64 -16.19
N PRO A 279 15.06 -7.32 -17.46
CA PRO A 279 16.13 -6.32 -17.69
C PRO A 279 15.78 -4.93 -17.19
N MET A 280 14.49 -4.56 -17.23
CA MET A 280 14.07 -3.27 -16.68
C MET A 280 14.31 -3.22 -15.18
N THR A 281 14.06 -4.31 -14.48
CA THR A 281 14.33 -4.35 -13.05
C THR A 281 15.79 -4.01 -12.78
N VAL A 282 16.70 -4.65 -13.51
CA VAL A 282 18.11 -4.38 -13.31
C VAL A 282 18.46 -2.95 -13.71
N ALA A 283 17.86 -2.44 -14.78
CA ALA A 283 18.19 -1.06 -15.18
C ALA A 283 17.76 -0.06 -14.11
N MET A 284 16.52 -0.20 -13.61
CA MET A 284 16.04 0.74 -12.60
C MET A 284 16.88 0.68 -11.34
N LEU A 285 17.43 -0.50 -11.00
CA LEU A 285 18.35 -0.61 -9.87
C LEU A 285 19.60 0.22 -10.07
N MET A 286 20.12 0.27 -11.31
CA MET A 286 21.24 1.17 -11.61
C MET A 286 20.85 2.62 -11.37
N LYS A 287 19.64 3.05 -11.79
CA LYS A 287 19.21 4.41 -11.50
C LYS A 287 19.11 4.68 -10.00
N ASN A 288 18.56 3.75 -9.21
CA ASN A 288 18.49 3.97 -7.77
C ASN A 288 19.87 4.11 -7.18
N THR A 289 20.88 3.45 -7.74
CA THR A 289 22.21 3.49 -7.16
C THR A 289 22.93 4.81 -7.44
N ILE A 290 22.81 5.38 -8.63
CA ILE A 290 23.32 6.74 -8.80
C ILE A 290 22.55 7.72 -7.92
N ILE A 291 21.23 7.52 -7.76
CA ILE A 291 20.48 8.41 -6.87
C ILE A 291 21.03 8.33 -5.46
N ALA A 292 21.27 7.12 -4.98
CA ALA A 292 21.82 6.97 -3.64
C ALA A 292 23.19 7.61 -3.54
N ALA A 293 24.02 7.42 -4.55
CA ALA A 293 25.37 7.94 -4.48
C ALA A 293 25.38 9.46 -4.35
N LYS A 294 24.37 10.14 -4.90
CA LYS A 294 24.32 11.60 -4.84
C LYS A 294 23.64 12.12 -3.59
N LYS A 295 23.26 11.25 -2.66
CA LYS A 295 22.60 11.62 -1.40
C LYS A 295 21.31 12.37 -1.69
N GLU B 1 -35.04 -8.29 1.31
CA GLU B 1 -34.58 -7.11 2.04
C GLU B 1 -33.16 -7.32 2.58
N ALA B 2 -32.32 -6.30 2.45
CA ALA B 2 -30.95 -6.36 2.95
C ALA B 2 -30.92 -6.42 4.47
N VAL B 3 -29.97 -7.18 5.02
CA VAL B 3 -29.63 -7.02 6.42
C VAL B 3 -29.01 -5.64 6.61
N VAL B 4 -29.47 -4.91 7.63
CA VAL B 4 -28.91 -3.61 7.92
C VAL B 4 -27.97 -3.77 9.11
N ILE B 5 -26.67 -3.62 8.85
CA ILE B 5 -25.64 -3.81 9.88
C ILE B 5 -25.61 -2.57 10.76
N SER B 6 -25.73 -2.78 12.06
CA SER B 6 -25.64 -1.68 13.02
C SER B 6 -24.18 -1.46 13.38
N GLY B 7 -23.60 -0.36 12.88
CA GLY B 7 -22.28 0.00 13.34
C GLY B 7 -22.26 0.27 14.83
N ARG B 8 -23.35 0.85 15.35
CA ARG B 8 -23.45 1.12 16.78
C ARG B 8 -23.30 -0.14 17.59
N LYS B 9 -24.00 -1.23 17.21
CA LYS B 9 -23.94 -2.46 18.00
C LYS B 9 -22.54 -3.04 17.99
N LEU B 10 -21.94 -3.15 16.80
CA LEU B 10 -20.61 -3.73 16.72
C LEU B 10 -19.61 -2.90 17.51
N ALA B 11 -19.70 -1.57 17.39
CA ALA B 11 -18.78 -0.70 18.12
C ALA B 11 -18.96 -0.91 19.62
N GLN B 12 -20.22 -1.01 20.06
CA GLN B 12 -20.51 -1.21 21.47
C GLN B 12 -19.86 -2.50 21.97
N GLN B 13 -19.97 -3.57 21.19
CA GLN B 13 -19.28 -4.81 21.56
C GLN B 13 -17.77 -4.62 21.58
N ILE B 14 -17.22 -3.99 20.55
CA ILE B 14 -15.78 -3.74 20.51
C ILE B 14 -15.36 -2.86 21.68
N LYS B 15 -16.16 -1.86 22.01
CA LYS B 15 -15.79 -1.00 23.14
C LYS B 15 -15.82 -1.78 24.45
N GLN B 16 -16.77 -2.72 24.60
CA GLN B 16 -16.83 -3.54 25.81
C GLN B 16 -15.56 -4.37 25.97
N GLU B 17 -15.03 -4.91 24.88
CA GLU B 17 -13.76 -5.65 24.96
C GLU B 17 -12.63 -4.75 25.41
N VAL B 18 -12.57 -3.51 24.91
CA VAL B 18 -11.49 -2.61 25.30
C VAL B 18 -11.58 -2.30 26.79
N ARG B 19 -12.80 -2.03 27.27
CA ARG B 19 -12.96 -1.79 28.70
C ARG B 19 -12.45 -2.98 29.52
N GLN B 20 -12.84 -4.19 29.12
CA GLN B 20 -12.35 -5.38 29.80
C GLN B 20 -10.84 -5.42 29.74
N GLU B 21 -10.27 -5.21 28.54
CA GLU B 21 -8.83 -5.21 28.40
C GLU B 21 -8.16 -4.10 29.21
N VAL B 22 -8.70 -2.88 29.17
CA VAL B 22 -8.10 -1.79 29.94
C VAL B 22 -8.19 -2.08 31.44
N GLU B 23 -9.33 -2.59 31.90
CA GLU B 23 -9.51 -2.79 33.35
C GLU B 23 -8.56 -3.86 33.88
N GLU B 24 -8.33 -4.92 33.13
CA GLU B 24 -7.40 -5.94 33.55
C GLU B 24 -6.01 -5.39 33.59
N TRP B 25 -5.67 -4.59 32.59
CA TRP B 25 -4.34 -3.99 32.50
C TRP B 25 -4.05 -3.07 33.68
N VAL B 26 -5.04 -2.31 34.12
CA VAL B 26 -4.86 -1.48 35.31
C VAL B 26 -4.85 -2.36 36.57
N ALA B 27 -5.63 -3.45 36.56
CA ALA B 27 -5.67 -4.34 37.72
C ALA B 27 -4.34 -5.04 37.98
N SER B 28 -3.45 -5.09 36.99
CA SER B 28 -2.11 -5.63 37.16
C SER B 28 -1.09 -4.59 37.64
N GLY B 29 -1.53 -3.36 37.93
CA GLY B 29 -0.66 -2.33 38.45
C GLY B 29 -0.14 -1.31 37.44
N ASN B 30 -0.57 -1.37 36.19
CA ASN B 30 -0.01 -0.46 35.21
C ASN B 30 -0.72 0.89 35.23
N LYS B 31 -0.08 1.89 34.59
CA LYS B 31 -0.70 3.21 34.45
C LYS B 31 -1.95 3.10 33.60
N ARG B 32 -2.97 3.89 33.95
CA ARG B 32 -4.16 3.95 33.11
C ARG B 32 -3.81 4.55 31.76
N PRO B 33 -4.32 3.99 30.66
CA PRO B 33 -4.05 4.56 29.34
C PRO B 33 -4.52 6.00 29.23
N HIS B 34 -3.74 6.82 28.53
CA HIS B 34 -4.13 8.19 28.28
C HIS B 34 -4.00 8.50 26.79
N LEU B 35 -5.02 9.15 26.24
CA LEU B 35 -5.01 9.59 24.85
C LEU B 35 -5.06 11.12 24.80
N SER B 36 -4.16 11.73 24.06
CA SER B 36 -4.22 13.16 23.81
C SER B 36 -4.62 13.39 22.35
N VAL B 37 -5.57 14.29 22.12
CA VAL B 37 -6.01 14.67 20.78
C VAL B 37 -5.78 16.16 20.59
N ILE B 38 -5.10 16.52 19.51
CA ILE B 38 -4.91 17.92 19.15
C ILE B 38 -5.94 18.29 18.11
N LEU B 39 -6.67 19.35 18.38
CA LEU B 39 -7.74 19.84 17.53
C LEU B 39 -7.40 21.28 17.19
N VAL B 40 -7.27 21.57 15.91
CA VAL B 40 -6.84 22.88 15.44
C VAL B 40 -8.01 23.54 14.71
N GLY B 41 -8.33 24.77 15.09
CA GLY B 41 -9.41 25.40 14.39
C GLY B 41 -10.76 24.83 14.77
N GLU B 42 -11.67 25.27 13.94
CA GLU B 42 -13.07 25.07 14.13
C GLU B 42 -13.93 24.32 13.11
N ASN B 43 -13.42 23.37 12.32
CA ASN B 43 -14.28 22.53 11.54
C ASN B 43 -15.33 21.92 12.49
N PRO B 44 -16.64 22.20 12.28
CA PRO B 44 -17.67 21.58 13.14
C PRO B 44 -17.67 20.07 13.11
N ALA B 45 -17.46 19.48 11.94
CA ALA B 45 -17.30 18.04 11.84
C ALA B 45 -16.16 17.57 12.74
N SER B 46 -15.05 18.30 12.75
CA SER B 46 -13.89 17.86 13.50
C SER B 46 -14.17 17.85 14.99
N HIS B 47 -14.79 18.91 15.50
CA HIS B 47 -15.11 18.95 16.93
C HIS B 47 -16.07 17.83 17.30
N SER B 48 -17.09 17.63 16.48
CA SER B 48 -18.04 16.55 16.68
C SER B 48 -17.34 15.19 16.71
N TYR B 49 -16.44 14.93 15.74
CA TYR B 49 -15.75 13.65 15.71
C TYR B 49 -14.82 13.49 16.92
N VAL B 50 -14.14 14.57 17.32
CA VAL B 50 -13.22 14.47 18.45
C VAL B 50 -14.00 14.25 19.75
N LEU B 51 -15.17 14.88 19.88
CA LEU B 51 -16.00 14.63 21.06
C LEU B 51 -16.45 13.17 21.12
N ASN B 52 -16.83 12.59 19.99
CA ASN B 52 -17.16 11.18 19.98
C ASN B 52 -15.98 10.33 20.48
N LYS B 53 -14.76 10.69 20.09
CA LYS B 53 -13.59 9.90 20.45
C LYS B 53 -13.28 9.99 21.93
N THR B 54 -13.37 11.17 22.52
CA THR B 54 -13.08 11.29 23.94
C THR B 54 -14.24 10.77 24.81
N ARG B 55 -15.48 10.86 24.33
CA ARG B 55 -16.59 10.19 25.01
C ARG B 55 -16.34 8.69 25.09
N ALA B 56 -15.99 8.08 23.95
CA ALA B 56 -15.72 6.65 23.92
C ALA B 56 -14.55 6.29 24.83
N ALA B 57 -13.54 7.16 24.89
CA ALA B 57 -12.39 6.89 25.75
C ALA B 57 -12.82 6.81 27.23
N ALA B 58 -13.62 7.75 27.69
CA ALA B 58 -13.94 7.78 29.11
C ALA B 58 -14.72 6.52 29.49
N VAL B 59 -15.70 6.14 28.68
CA VAL B 59 -16.53 5.00 29.03
C VAL B 59 -15.81 3.67 28.85
N VAL B 60 -14.63 3.63 28.23
CA VAL B 60 -13.85 2.39 28.20
C VAL B 60 -12.70 2.42 29.19
N GLY B 61 -12.61 3.46 30.02
CA GLY B 61 -11.57 3.53 31.02
C GLY B 61 -10.28 4.18 30.58
N ILE B 62 -10.27 4.88 29.45
CA ILE B 62 -9.06 5.54 28.94
C ILE B 62 -9.14 7.03 29.26
N ASN B 63 -8.17 7.54 30.01
CA ASN B 63 -8.10 8.98 30.22
C ASN B 63 -7.78 9.68 28.90
N SER B 64 -8.22 10.92 28.80
CA SER B 64 -8.11 11.62 27.54
C SER B 64 -8.01 13.10 27.83
N GLU B 65 -7.43 13.83 26.88
CA GLU B 65 -7.48 15.28 26.91
C GLU B 65 -7.52 15.75 25.46
N THR B 66 -8.35 16.74 25.19
CA THR B 66 -8.33 17.40 23.92
C THR B 66 -7.65 18.76 24.11
N ILE B 67 -6.66 19.03 23.29
CA ILE B 67 -5.96 20.31 23.29
C ILE B 67 -6.38 21.05 22.04
N MET B 68 -7.21 22.09 22.21
CA MET B 68 -7.66 22.90 21.11
C MET B 68 -6.76 24.11 20.94
N LYS B 69 -6.36 24.36 19.69
CA LYS B 69 -5.50 25.45 19.30
C LYS B 69 -6.22 26.21 18.19
N PRO B 70 -6.07 27.52 18.14
CA PRO B 70 -6.69 28.27 17.05
C PRO B 70 -5.99 27.97 15.73
N ALA B 71 -6.73 28.18 14.63
CA ALA B 71 -6.25 27.88 13.28
C ALA B 71 -5.05 28.73 12.89
N SER B 72 -4.89 29.90 13.48
CA SER B 72 -3.75 30.76 13.16
C SER B 72 -2.48 30.30 13.81
N ILE B 73 -2.48 29.12 14.43
CA ILE B 73 -1.26 28.59 14.98
C ILE B 73 -0.26 28.37 13.85
N SER B 74 1.01 28.55 14.18
CA SER B 74 2.06 28.30 13.19
C SER B 74 2.42 26.83 13.23
N GLU B 75 3.05 26.38 12.15
CA GLU B 75 3.47 24.99 12.10
C GLU B 75 4.52 24.73 13.16
N GLU B 76 5.30 25.74 13.52
CA GLU B 76 6.35 25.55 14.52
C GLU B 76 5.75 25.33 15.91
N GLU B 77 4.70 26.08 16.29
CA GLU B 77 4.12 25.82 17.60
C GLU B 77 3.49 24.44 17.64
N LEU B 78 2.80 24.05 16.56
CA LEU B 78 2.19 22.73 16.53
C LEU B 78 3.24 21.65 16.68
N LEU B 79 4.41 21.85 16.05
CA LEU B 79 5.49 20.88 16.23
C LEU B 79 6.02 20.88 17.65
N ASN B 80 6.16 22.06 18.26
CA ASN B 80 6.60 22.11 19.66
C ASN B 80 5.61 21.39 20.57
N LEU B 81 4.30 21.61 20.36
CA LEU B 81 3.30 20.91 21.18
C LEU B 81 3.38 19.40 21.00
N ILE B 82 3.56 18.94 19.76
CA ILE B 82 3.65 17.50 19.48
C ILE B 82 4.89 16.92 20.14
N ASN B 83 5.99 17.66 20.06
CA ASN B 83 7.24 17.20 20.65
C ASN B 83 7.13 17.11 22.17
N LYS B 84 6.44 18.06 22.79
CA LYS B 84 6.16 17.97 24.22
C LYS B 84 5.40 16.69 24.57
N LEU B 85 4.29 16.43 23.86
CA LEU B 85 3.48 15.24 24.17
C LEU B 85 4.22 13.95 23.87
N ASN B 86 5.06 13.94 22.83
CA ASN B 86 5.90 12.78 22.55
C ASN B 86 6.73 12.40 23.75
N ASN B 87 7.18 13.41 24.50
CA ASN B 87 8.08 13.23 25.63
C ASN B 87 7.35 13.10 26.96
N ASP B 88 6.03 13.26 26.99
CA ASP B 88 5.26 13.12 28.22
C ASP B 88 4.96 11.64 28.46
N ASP B 89 5.60 11.08 29.48
CA ASP B 89 5.42 9.66 29.76
C ASP B 89 4.02 9.31 30.24
N ASN B 90 3.19 10.29 30.58
CA ASN B 90 1.79 9.94 30.84
C ASN B 90 0.99 9.75 29.55
N VAL B 91 1.49 10.19 28.39
CA VAL B 91 0.72 10.17 27.15
C VAL B 91 1.08 8.91 26.37
N ASP B 92 0.09 8.05 26.16
CA ASP B 92 0.26 6.81 25.42
C ASP B 92 -0.13 6.96 23.96
N GLY B 93 -1.23 7.63 23.72
CA GLY B 93 -1.73 7.86 22.38
C GLY B 93 -1.77 9.35 22.11
N LEU B 94 -1.33 9.72 20.92
CA LEU B 94 -1.38 11.10 20.46
C LEU B 94 -1.94 11.08 19.04
N LEU B 95 -3.02 11.81 18.80
CA LEU B 95 -3.46 11.98 17.43
C LEU B 95 -3.74 13.44 17.15
N VAL B 96 -3.58 13.80 15.89
CA VAL B 96 -3.86 15.13 15.37
C VAL B 96 -5.07 15.00 14.47
N GLN B 97 -6.16 15.69 14.82
CA GLN B 97 -7.34 15.62 13.97
C GLN B 97 -7.11 16.46 12.71
N LEU B 98 -7.40 15.88 11.59
CA LEU B 98 -7.32 16.49 10.28
C LEU B 98 -8.72 16.84 9.80
N PRO B 99 -8.87 17.82 8.91
CA PRO B 99 -7.83 18.61 8.23
C PRO B 99 -7.22 19.76 9.06
N LEU B 100 -5.99 20.11 8.72
CA LEU B 100 -5.23 21.21 9.30
C LEU B 100 -5.38 22.45 8.44
N PRO B 101 -5.09 23.64 8.99
CA PRO B 101 -5.13 24.85 8.16
C PRO B 101 -4.11 24.77 7.03
N GLU B 102 -4.43 25.45 5.92
CA GLU B 102 -3.65 25.27 4.69
C GLU B 102 -2.18 25.63 4.85
N HIS B 103 -1.85 26.54 5.76
CA HIS B 103 -0.48 26.98 5.92
C HIS B 103 0.38 25.98 6.68
N ILE B 104 -0.16 24.84 7.07
CA ILE B 104 0.54 23.83 7.84
C ILE B 104 0.67 22.59 6.97
N ASP B 105 1.85 21.99 6.94
CA ASP B 105 2.04 20.80 6.11
C ASP B 105 1.59 19.55 6.87
N GLU B 106 0.44 18.99 6.47
CA GLU B 106 -0.15 17.83 7.13
C GLU B 106 0.83 16.65 7.24
N ARG B 107 1.56 16.36 6.16
CA ARG B 107 2.47 15.23 6.17
C ARG B 107 3.63 15.44 7.15
N ARG B 108 4.14 16.66 7.24
CA ARG B 108 5.14 16.97 8.25
C ARG B 108 4.58 16.77 9.65
N ILE B 109 3.36 17.23 9.89
CA ILE B 109 2.78 17.07 11.23
C ILE B 109 2.60 15.59 11.57
N CYS B 110 2.05 14.81 10.64
CA CYS B 110 1.80 13.41 10.96
C CYS B 110 3.09 12.63 11.15
N ASN B 111 4.19 13.05 10.51
CA ASN B 111 5.46 12.37 10.71
C ASN B 111 6.17 12.81 11.98
N ALA B 112 5.75 13.92 12.60
CA ALA B 112 6.30 14.37 13.88
C ALA B 112 5.73 13.61 15.07
N VAL B 113 4.54 13.04 14.96
CA VAL B 113 4.00 12.24 16.05
C VAL B 113 4.87 11.00 16.21
N SER B 114 5.24 10.68 17.45
CA SER B 114 6.07 9.51 17.67
C SER B 114 5.37 8.25 17.16
N PRO B 115 6.07 7.40 16.40
CA PRO B 115 5.40 6.20 15.86
C PRO B 115 4.86 5.24 16.91
N ASP B 116 5.43 5.21 18.12
CA ASP B 116 4.85 4.38 19.18
C ASP B 116 3.58 4.99 19.76
N LYS B 117 3.30 6.26 19.50
CA LYS B 117 2.12 6.93 20.00
C LYS B 117 1.09 7.20 18.92
N ASP B 118 1.35 6.76 17.69
CA ASP B 118 0.60 7.14 16.49
C ASP B 118 -0.64 6.26 16.37
N VAL B 119 -1.63 6.54 17.23
CA VAL B 119 -2.80 5.67 17.31
C VAL B 119 -3.64 5.76 16.03
N ASP B 120 -3.41 6.77 15.18
CA ASP B 120 -4.05 6.80 13.87
C ASP B 120 -3.30 6.01 12.81
N GLY B 121 -2.02 5.69 13.05
CA GLY B 121 -1.25 5.03 12.01
C GLY B 121 -1.01 5.89 10.78
N PHE B 122 -0.88 7.20 10.95
CA PHE B 122 -0.64 8.09 9.81
C PHE B 122 0.84 8.40 9.59
N HIS B 123 1.70 8.00 10.53
CA HIS B 123 3.15 8.19 10.38
C HIS B 123 3.68 7.27 9.27
N VAL B 124 4.65 7.78 8.52
CA VAL B 124 5.17 7.08 7.34
C VAL B 124 5.62 5.67 7.69
N ILE B 125 6.26 5.50 8.86
CA ILE B 125 6.72 4.20 9.31
C ILE B 125 5.56 3.23 9.53
N ASN B 126 4.47 3.73 10.14
CA ASN B 126 3.33 2.84 10.38
C ASN B 126 2.58 2.54 9.10
N VAL B 127 2.61 3.47 8.14
CA VAL B 127 2.08 3.17 6.82
C VAL B 127 2.88 2.06 6.16
N GLY B 128 4.20 2.12 6.29
CA GLY B 128 5.04 1.03 5.77
C GLY B 128 4.81 -0.28 6.50
N ARG B 129 4.72 -0.24 7.84
CA ARG B 129 4.46 -1.45 8.60
C ARG B 129 3.15 -2.12 8.20
N MET B 130 2.12 -1.33 7.98
CA MET B 130 0.86 -1.86 7.47
C MET B 130 1.05 -2.55 6.12
N CYS B 131 1.79 -1.89 5.21
CA CYS B 131 2.07 -2.52 3.92
C CYS B 131 2.79 -3.84 4.08
N LEU B 132 3.68 -3.93 5.06
CA LEU B 132 4.58 -5.06 5.22
C LEU B 132 4.12 -6.05 6.29
N ASP B 133 2.91 -5.89 6.83
CA ASP B 133 2.38 -6.76 7.89
C ASP B 133 3.31 -6.82 9.11
N GLN B 134 3.90 -5.69 9.44
CA GLN B 134 4.69 -5.52 10.66
C GLN B 134 3.93 -4.81 11.77
N TYR B 135 2.65 -4.52 11.58
CA TYR B 135 2.12 -3.38 12.31
C TYR B 135 1.83 -3.73 13.76
N SER B 136 1.65 -2.68 14.54
CA SER B 136 0.96 -2.73 15.83
C SER B 136 -0.39 -2.05 15.78
N MET B 137 -0.53 -0.99 14.99
CA MET B 137 -1.68 -0.10 15.04
C MET B 137 -2.15 0.18 13.63
N LEU B 138 -3.40 -0.04 13.39
CA LEU B 138 -3.92 0.14 12.06
C LEU B 138 -4.76 1.40 12.01
N PRO B 139 -4.82 2.08 10.87
CA PRO B 139 -5.72 3.23 10.75
C PRO B 139 -7.14 2.84 11.13
N ALA B 140 -7.79 3.73 11.88
CA ALA B 140 -9.05 3.35 12.54
C ALA B 140 -10.17 3.12 11.54
N THR B 141 -10.31 3.97 10.53
CA THR B 141 -11.42 3.77 9.59
C THR B 141 -11.24 2.50 8.74
N PRO B 142 -10.08 2.25 8.09
CA PRO B 142 -9.91 0.95 7.42
C PRO B 142 -10.07 -0.26 8.30
N TRP B 143 -9.54 -0.22 9.52
CA TRP B 143 -9.73 -1.34 10.41
C TRP B 143 -11.19 -1.46 10.84
N GLY B 144 -11.90 -0.32 10.96
CA GLY B 144 -13.31 -0.37 11.27
C GLY B 144 -14.11 -1.07 10.19
N VAL B 145 -13.83 -0.72 8.93
CA VAL B 145 -14.49 -1.37 7.79
C VAL B 145 -14.25 -2.86 7.82
N TRP B 146 -13.01 -3.27 8.11
CA TRP B 146 -12.68 -4.68 8.14
C TRP B 146 -13.42 -5.40 9.25
N GLU B 147 -13.54 -4.78 10.42
CA GLU B 147 -14.25 -5.44 11.51
C GLU B 147 -15.73 -5.60 11.20
N ILE B 148 -16.32 -4.63 10.50
CA ILE B 148 -17.70 -4.80 10.09
C ILE B 148 -17.83 -6.06 9.26
N ILE B 149 -16.95 -6.23 8.28
CA ILE B 149 -17.00 -7.39 7.40
C ILE B 149 -16.76 -8.67 8.20
N LYS B 150 -15.70 -8.67 9.00
CA LYS B 150 -15.32 -9.88 9.71
C LYS B 150 -16.32 -10.26 10.78
N ARG B 151 -16.77 -9.28 11.57
CA ARG B 151 -17.68 -9.60 12.67
C ARG B 151 -19.07 -9.96 12.17
N THR B 152 -19.53 -9.35 11.08
CA THR B 152 -20.77 -9.78 10.44
C THR B 152 -20.63 -11.16 9.79
N GLY B 153 -19.39 -11.63 9.60
CA GLY B 153 -19.18 -12.92 8.98
C GLY B 153 -19.30 -12.95 7.48
N ILE B 154 -19.07 -11.83 6.82
CA ILE B 154 -19.19 -11.76 5.37
C ILE B 154 -17.92 -12.38 4.74
N PRO B 155 -18.05 -13.31 3.80
CA PRO B 155 -16.85 -13.95 3.22
C PRO B 155 -16.09 -13.02 2.30
N THR B 156 -14.75 -13.08 2.41
CA THR B 156 -13.85 -12.27 1.60
C THR B 156 -12.91 -13.06 0.72
N LEU B 157 -12.55 -14.29 1.10
CA LEU B 157 -11.49 -15.02 0.43
C LEU B 157 -11.83 -15.25 -1.03
N GLY B 158 -10.98 -14.74 -1.92
CA GLY B 158 -11.18 -14.85 -3.35
C GLY B 158 -12.30 -14.01 -3.91
N LYS B 159 -12.95 -13.17 -3.11
CA LYS B 159 -14.13 -12.45 -3.55
C LYS B 159 -13.76 -11.13 -4.20
N ASN B 160 -14.73 -10.53 -4.89
CA ASN B 160 -14.52 -9.26 -5.58
C ASN B 160 -14.90 -8.10 -4.67
N VAL B 161 -13.92 -7.27 -4.34
CA VAL B 161 -14.12 -6.06 -3.55
C VAL B 161 -13.83 -4.85 -4.43
N VAL B 162 -14.72 -3.85 -4.39
CA VAL B 162 -14.49 -2.57 -5.05
C VAL B 162 -14.47 -1.49 -3.98
N VAL B 163 -13.47 -0.60 -4.04
CA VAL B 163 -13.32 0.52 -3.12
C VAL B 163 -13.36 1.80 -3.94
N ALA B 164 -14.34 2.65 -3.66
CA ALA B 164 -14.52 3.89 -4.40
C ALA B 164 -14.03 5.03 -3.51
N GLY B 165 -12.77 5.41 -3.69
CA GLY B 165 -12.12 6.37 -2.80
C GLY B 165 -12.06 7.78 -3.35
N ARG B 166 -12.15 8.74 -2.42
CA ARG B 166 -11.94 10.14 -2.76
C ARG B 166 -10.46 10.46 -2.90
N SER B 167 -9.61 9.82 -2.09
CA SER B 167 -8.18 10.03 -2.13
C SER B 167 -7.50 8.69 -1.86
N LYS B 168 -6.21 8.63 -2.18
CA LYS B 168 -5.46 7.39 -1.99
C LYS B 168 -5.28 7.08 -0.51
N ASN B 169 -5.22 8.12 0.34
CA ASN B 169 -5.10 7.95 1.78
C ASN B 169 -6.25 7.17 2.37
N VAL B 170 -7.38 7.10 1.67
CA VAL B 170 -8.61 6.53 2.20
C VAL B 170 -8.92 5.18 1.55
N GLY B 171 -8.85 5.11 0.23
CA GLY B 171 -9.19 3.88 -0.47
C GLY B 171 -8.12 2.82 -0.44
N MET B 172 -6.86 3.23 -0.57
CA MET B 172 -5.77 2.26 -0.58
C MET B 172 -5.63 1.49 0.72
N PRO B 173 -5.61 2.13 1.90
CA PRO B 173 -5.54 1.34 3.15
C PRO B 173 -6.71 0.36 3.32
N ILE B 174 -7.92 0.75 2.90
CA ILE B 174 -9.03 -0.20 2.97
C ILE B 174 -8.76 -1.37 2.05
N ALA B 175 -8.33 -1.06 0.82
CA ALA B 175 -7.99 -2.09 -0.15
C ALA B 175 -6.89 -2.99 0.36
N MET B 176 -5.86 -2.41 0.97
CA MET B 176 -4.70 -3.17 1.43
C MET B 176 -5.08 -4.23 2.45
N LEU B 177 -5.93 -3.85 3.41
CA LEU B 177 -6.37 -4.83 4.40
C LEU B 177 -7.16 -5.95 3.75
N LEU B 178 -8.07 -5.63 2.82
CA LEU B 178 -8.82 -6.74 2.25
C LEU B 178 -7.98 -7.59 1.32
N HIS B 179 -6.95 -7.00 0.70
CA HIS B 179 -6.11 -7.78 -0.19
C HIS B 179 -5.08 -8.64 0.55
N THR B 180 -4.71 -8.23 1.76
CA THR B 180 -3.70 -8.93 2.53
C THR B 180 -4.09 -10.40 2.74
N ASP B 181 -3.06 -11.25 2.86
CA ASP B 181 -3.26 -12.65 3.18
C ASP B 181 -3.89 -12.80 4.56
N GLY B 182 -4.93 -13.63 4.63
CA GLY B 182 -5.53 -13.98 5.91
C GLY B 182 -4.64 -14.90 6.74
N PRO B 187 -5.70 -9.52 10.60
CA PRO B 187 -6.56 -8.86 9.61
C PRO B 187 -6.09 -9.13 8.18
N GLY B 188 -7.04 -9.37 7.27
CA GLY B 188 -6.72 -9.55 5.87
C GLY B 188 -7.63 -10.53 5.17
N GLY B 189 -8.24 -10.11 4.07
CA GLY B 189 -9.31 -10.85 3.46
C GLY B 189 -9.01 -11.73 2.25
N ASP B 190 -7.77 -11.79 1.77
CA ASP B 190 -7.42 -12.59 0.59
C ASP B 190 -8.34 -12.30 -0.59
N ALA B 191 -8.68 -11.02 -0.78
CA ALA B 191 -9.68 -10.67 -1.77
C ALA B 191 -9.06 -9.96 -2.96
N THR B 192 -9.76 -10.02 -4.08
CA THR B 192 -9.42 -9.21 -5.23
C THR B 192 -10.05 -7.83 -5.05
N VAL B 193 -9.25 -6.80 -5.25
CA VAL B 193 -9.64 -5.46 -4.86
C VAL B 193 -9.45 -4.51 -6.03
N THR B 194 -10.50 -3.76 -6.35
CA THR B 194 -10.45 -2.68 -7.32
C THR B 194 -10.54 -1.35 -6.59
N ILE B 195 -9.65 -0.42 -6.94
CA ILE B 195 -9.65 0.91 -6.35
C ILE B 195 -10.02 1.89 -7.45
N SER B 196 -11.25 2.37 -7.40
CA SER B 196 -11.70 3.29 -8.44
C SER B 196 -11.02 4.62 -8.25
N HIS B 197 -10.87 5.33 -9.35
CA HIS B 197 -10.19 6.60 -9.29
C HIS B 197 -11.15 7.75 -8.97
N ARG B 198 -10.56 8.89 -8.64
CA ARG B 198 -11.30 10.13 -8.59
C ARG B 198 -11.95 10.40 -9.94
N TYR B 199 -13.05 11.12 -9.90
CA TYR B 199 -13.76 11.53 -11.09
C TYR B 199 -14.00 10.42 -12.12
N THR B 200 -14.00 9.19 -11.64
CA THR B 200 -14.20 8.04 -12.54
C THR B 200 -15.64 8.00 -13.03
N PRO B 201 -15.86 7.76 -14.32
CA PRO B 201 -17.22 7.71 -14.85
C PRO B 201 -18.10 6.73 -14.07
N LYS B 202 -19.29 7.21 -13.70
CA LYS B 202 -20.17 6.39 -12.87
C LYS B 202 -20.48 5.05 -13.53
N GLU B 203 -20.72 5.06 -14.86
CA GLU B 203 -20.95 3.80 -15.56
C GLU B 203 -19.67 3.01 -15.77
N GLN B 204 -18.50 3.68 -15.82
CA GLN B 204 -17.24 2.94 -15.80
C GLN B 204 -17.04 2.29 -14.44
N LEU B 205 -17.32 3.03 -13.37
CA LEU B 205 -17.36 2.42 -12.05
C LEU B 205 -18.40 1.32 -12.00
N LYS B 206 -19.54 1.51 -12.69
CA LYS B 206 -20.60 0.52 -12.63
C LYS B 206 -20.13 -0.85 -13.09
N LYS B 207 -19.36 -0.91 -14.18
CA LYS B 207 -18.93 -2.21 -14.68
C LYS B 207 -18.04 -2.95 -13.68
N HIS B 208 -17.43 -2.24 -12.75
CA HIS B 208 -16.70 -2.93 -11.70
C HIS B 208 -17.59 -3.29 -10.51
N THR B 209 -18.52 -2.41 -10.14
CA THR B 209 -19.39 -2.69 -9.00
C THR B 209 -20.34 -3.86 -9.29
N ILE B 210 -20.83 -3.96 -10.54
CA ILE B 210 -21.74 -5.06 -10.90
C ILE B 210 -21.17 -6.41 -10.54
N LEU B 211 -19.85 -6.55 -10.65
CA LEU B 211 -19.14 -7.79 -10.37
C LEU B 211 -18.83 -7.99 -8.90
N ALA B 212 -18.99 -6.96 -8.08
CA ALA B 212 -18.44 -6.97 -6.73
C ALA B 212 -19.34 -7.71 -5.76
N ASP B 213 -18.73 -8.54 -4.90
CA ASP B 213 -19.46 -9.06 -3.75
C ASP B 213 -19.52 -8.04 -2.62
N ILE B 214 -18.57 -7.12 -2.56
CA ILE B 214 -18.45 -6.15 -1.47
C ILE B 214 -18.09 -4.81 -2.11
N VAL B 215 -19.00 -3.85 -2.03
CA VAL B 215 -18.74 -2.49 -2.49
C VAL B 215 -18.54 -1.61 -1.26
N ILE B 216 -17.44 -0.87 -1.25
CA ILE B 216 -17.04 -0.01 -0.15
C ILE B 216 -16.91 1.39 -0.72
N SER B 217 -17.88 2.26 -0.45
CA SER B 217 -17.86 3.58 -1.04
C SER B 217 -17.37 4.58 -0.01
N ALA B 218 -16.32 5.31 -0.37
CA ALA B 218 -15.70 6.31 0.47
C ALA B 218 -15.33 7.52 -0.37
N ALA B 219 -16.23 7.92 -1.25
CA ALA B 219 -15.94 8.98 -2.20
C ALA B 219 -16.53 10.33 -1.80
N GLY B 220 -17.56 10.32 -0.96
CA GLY B 220 -18.24 11.57 -0.65
C GLY B 220 -18.96 12.20 -1.82
N ILE B 221 -19.74 11.45 -2.58
CA ILE B 221 -20.80 12.08 -3.35
C ILE B 221 -22.10 11.32 -3.07
N PRO B 222 -23.20 12.03 -2.92
CA PRO B 222 -24.48 11.38 -2.68
C PRO B 222 -24.91 10.55 -3.87
N ASN B 223 -25.53 9.41 -3.58
CA ASN B 223 -26.15 8.54 -4.58
C ASN B 223 -25.16 8.06 -5.63
N LEU B 224 -23.88 7.94 -5.26
CA LEU B 224 -22.93 7.27 -6.15
C LEU B 224 -23.27 5.79 -6.29
N ILE B 225 -23.80 5.17 -5.25
CA ILE B 225 -24.10 3.76 -5.27
C ILE B 225 -25.62 3.62 -5.23
N THR B 226 -26.21 3.38 -6.40
CA THR B 226 -27.63 3.09 -6.55
C THR B 226 -27.81 1.62 -6.91
N ALA B 227 -29.08 1.17 -6.94
CA ALA B 227 -29.35 -0.26 -7.06
C ALA B 227 -28.85 -0.85 -8.37
N ASP B 228 -28.82 -0.06 -9.44
CA ASP B 228 -28.36 -0.56 -10.72
C ASP B 228 -26.87 -0.79 -10.76
N MET B 229 -26.17 -0.73 -9.62
CA MET B 229 -24.74 -1.01 -9.58
C MET B 229 -24.39 -2.24 -8.78
N ILE B 230 -25.38 -2.91 -8.20
CA ILE B 230 -25.16 -3.98 -7.24
C ILE B 230 -25.76 -5.26 -7.80
N LYS B 231 -25.04 -6.37 -7.64
CA LYS B 231 -25.65 -7.66 -7.82
C LYS B 231 -26.28 -8.08 -6.50
N GLU B 232 -27.27 -8.97 -6.60
CA GLU B 232 -28.04 -9.34 -5.42
C GLU B 232 -27.18 -10.05 -4.40
N GLY B 233 -27.43 -9.77 -3.12
CA GLY B 233 -26.69 -10.37 -2.03
C GLY B 233 -25.35 -9.72 -1.76
N ALA B 234 -24.93 -8.76 -2.55
CA ALA B 234 -23.67 -8.07 -2.31
C ALA B 234 -23.74 -7.25 -1.03
N ALA B 235 -22.64 -7.26 -0.28
CA ALA B 235 -22.52 -6.41 0.89
C ALA B 235 -22.09 -5.01 0.46
N VAL B 236 -22.79 -3.98 0.95
CA VAL B 236 -22.49 -2.59 0.61
C VAL B 236 -22.16 -1.87 1.92
N ILE B 237 -20.96 -1.30 1.97
CA ILE B 237 -20.48 -0.61 3.16
C ILE B 237 -20.25 0.85 2.81
N ASP B 238 -20.95 1.73 3.52
CA ASP B 238 -21.01 3.15 3.19
C ASP B 238 -20.06 3.93 4.09
N VAL B 239 -19.03 4.53 3.49
CA VAL B 239 -18.05 5.32 4.20
C VAL B 239 -18.17 6.80 3.85
N GLY B 240 -19.09 7.15 2.95
CA GLY B 240 -19.21 8.55 2.56
C GLY B 240 -19.75 9.42 3.67
N ILE B 241 -19.31 10.68 3.64
CA ILE B 241 -19.79 11.73 4.54
C ILE B 241 -20.29 12.85 3.64
N ASN B 242 -21.58 13.13 3.67
CA ASN B 242 -22.17 14.11 2.78
C ASN B 242 -23.19 14.97 3.52
N ARG B 243 -23.23 16.26 3.17
CA ARG B 243 -24.28 17.18 3.59
C ARG B 243 -25.13 17.51 2.37
N VAL B 244 -26.44 17.29 2.47
CA VAL B 244 -27.33 17.53 1.32
C VAL B 244 -28.55 18.38 1.68
N PRO B 252 -30.91 19.89 4.90
CA PRO B 252 -29.50 20.02 5.33
C PRO B 252 -29.08 18.95 6.37
N LYS B 253 -28.74 17.75 5.91
CA LYS B 253 -28.52 16.61 6.79
C LYS B 253 -27.42 15.70 6.24
N LEU B 254 -26.90 14.84 7.12
CA LEU B 254 -25.80 13.94 6.81
C LEU B 254 -26.29 12.67 6.10
N VAL B 255 -25.66 12.35 4.97
CA VAL B 255 -25.90 11.11 4.23
C VAL B 255 -24.57 10.54 3.77
N GLY B 256 -24.59 9.28 3.36
CA GLY B 256 -23.45 8.60 2.81
C GLY B 256 -23.44 8.62 1.28
N ASP B 257 -22.71 7.67 0.70
CA ASP B 257 -22.57 7.57 -0.73
C ASP B 257 -23.63 6.68 -1.37
N VAL B 258 -24.41 5.98 -0.57
CA VAL B 258 -25.34 4.99 -1.08
C VAL B 258 -26.74 5.58 -1.00
N ASP B 259 -27.57 5.27 -1.98
CA ASP B 259 -29.02 5.49 -1.91
C ASP B 259 -29.60 4.38 -1.05
N PHE B 260 -29.78 4.67 0.25
CA PHE B 260 -30.08 3.62 1.22
C PHE B 260 -31.35 2.87 0.86
N GLU B 261 -32.45 3.58 0.66
CA GLU B 261 -33.72 2.89 0.41
C GLU B 261 -33.67 2.04 -0.85
N GLY B 262 -33.07 2.58 -1.92
CA GLY B 262 -32.93 1.82 -3.15
C GLY B 262 -32.09 0.56 -3.02
N VAL B 263 -30.85 0.72 -2.55
CA VAL B 263 -29.95 -0.41 -2.44
C VAL B 263 -30.43 -1.41 -1.39
N ARG B 264 -31.26 -0.95 -0.45
CA ARG B 264 -31.85 -1.84 0.56
C ARG B 264 -32.56 -3.03 -0.08
N GLN B 265 -33.19 -2.83 -1.24
CA GLN B 265 -33.84 -3.94 -1.94
C GLN B 265 -32.82 -4.87 -2.58
N LYS B 266 -31.94 -4.31 -3.43
CA LYS B 266 -31.01 -5.13 -4.21
C LYS B 266 -30.02 -5.88 -3.32
N ALA B 267 -29.48 -5.22 -2.29
CA ALA B 267 -28.30 -5.70 -1.59
C ALA B 267 -28.64 -6.76 -0.54
N GLY B 268 -27.62 -7.53 -0.16
CA GLY B 268 -27.75 -8.47 0.92
C GLY B 268 -27.26 -7.98 2.26
N TYR B 269 -26.48 -6.88 2.27
CA TYR B 269 -26.00 -6.24 3.49
C TYR B 269 -25.79 -4.77 3.21
N ILE B 270 -26.13 -3.92 4.17
CA ILE B 270 -25.91 -2.50 3.97
C ILE B 270 -25.67 -1.84 5.32
N THR B 271 -24.72 -0.90 5.34
CA THR B 271 -24.47 -0.14 6.56
C THR B 271 -25.12 1.22 6.44
N PRO B 272 -25.73 1.75 7.49
CA PRO B 272 -26.31 3.09 7.41
C PRO B 272 -25.27 4.15 7.77
N VAL B 273 -25.54 5.36 7.30
CA VAL B 273 -24.85 6.57 7.69
C VAL B 273 -25.91 7.54 8.22
N PRO B 274 -25.85 7.99 9.49
CA PRO B 274 -24.89 7.65 10.56
C PRO B 274 -25.10 6.25 11.11
N GLY B 275 -24.34 5.88 12.14
CA GLY B 275 -24.54 4.61 12.80
C GLY B 275 -23.89 3.42 12.14
N GLY B 276 -23.10 3.62 11.08
CA GLY B 276 -22.39 2.50 10.47
C GLY B 276 -20.89 2.48 10.73
N VAL B 277 -20.11 2.97 9.76
CA VAL B 277 -18.65 2.96 9.86
C VAL B 277 -18.17 3.92 10.96
N GLY B 278 -18.80 5.08 11.08
CA GLY B 278 -18.41 6.08 12.03
C GLY B 278 -18.14 5.56 13.44
N PRO B 279 -19.12 4.91 14.06
CA PRO B 279 -18.87 4.34 15.41
C PRO B 279 -17.75 3.34 15.44
N MET B 280 -17.55 2.61 14.34
CA MET B 280 -16.45 1.64 14.24
C MET B 280 -15.10 2.34 14.19
N THR B 281 -15.00 3.45 13.47
CA THR B 281 -13.76 4.23 13.47
C THR B 281 -13.35 4.57 14.90
N VAL B 282 -14.29 5.13 15.66
CA VAL B 282 -14.03 5.55 17.03
C VAL B 282 -13.64 4.35 17.89
N ALA B 283 -14.37 3.24 17.74
CA ALA B 283 -14.10 2.05 18.53
C ALA B 283 -12.72 1.47 18.25
N MET B 284 -12.30 1.44 16.97
CA MET B 284 -10.98 0.89 16.69
C MET B 284 -9.88 1.78 17.25
N LEU B 285 -10.08 3.10 17.23
CA LEU B 285 -9.14 4.00 17.88
C LEU B 285 -8.93 3.62 19.33
N MET B 286 -10.00 3.17 20.01
CA MET B 286 -9.88 2.71 21.38
C MET B 286 -8.98 1.47 21.46
N LYS B 287 -9.14 0.52 20.53
CA LYS B 287 -8.24 -0.63 20.45
C LYS B 287 -6.78 -0.18 20.27
N ASN B 288 -6.55 0.76 19.35
CA ASN B 288 -5.17 1.21 19.10
C ASN B 288 -4.57 1.88 20.32
N THR B 289 -5.39 2.53 21.15
CA THR B 289 -4.85 3.22 22.32
C THR B 289 -4.43 2.25 23.42
N ILE B 290 -5.22 1.21 23.69
CA ILE B 290 -4.75 0.21 24.64
C ILE B 290 -3.49 -0.49 24.09
N ILE B 291 -3.47 -0.79 22.78
CA ILE B 291 -2.27 -1.38 22.19
C ILE B 291 -1.07 -0.47 22.45
N ALA B 292 -1.23 0.83 22.23
CA ALA B 292 -0.12 1.75 22.45
C ALA B 292 0.31 1.76 23.92
N ALA B 293 -0.63 1.71 24.85
CA ALA B 293 -0.25 1.81 26.24
C ALA B 293 0.50 0.57 26.71
N LYS B 294 0.36 -0.55 26.01
CA LYS B 294 0.99 -1.81 26.39
C LYS B 294 2.40 -1.96 25.85
N LYS B 295 2.72 -1.36 24.71
CA LYS B 295 4.04 -1.48 24.07
C LYS B 295 4.40 -2.94 23.76
#